data_6LDS
#
_entry.id   6LDS
#
_cell.length_a   98.420
_cell.length_b   98.420
_cell.length_c   122.030
_cell.angle_alpha   90.000
_cell.angle_beta   90.000
_cell.angle_gamma   90.000
#
_symmetry.space_group_name_H-M   'P 43 21 2'
#
loop_
_entity.id
_entity.type
_entity.pdbx_description
1 polymer 'L-tyrosine/L-aspartate decarboxylase'
2 non-polymer 'SULFATE ION'
3 non-polymer GLYCEROL
4 non-polymer N-({3-hydroxy-2-methyl-5-[(phosphonooxy)methyl]pyridin-4-yl}methyl)-L-tyrosine
5 water water
#
_entity_poly.entity_id   1
_entity_poly.type   'polypeptide(L)'
_entity_poly.pdbx_seq_one_letter_code
;MGSDKIHHHHHHENLYFQGMRNMQEKGVSEKEILEELKKYRSLDLKYEDGNIFGSMCSNVLPITRKIVDIFLETNLGDPG
LFKGTKLLEEKAVALLGSLLNNKDAYGHIVSGGTEANLMALRCIKNIWREKRRKGLSKNEHP(LLP)IIVPITAHFSFEK
GREMMDLEYIYAPIKEDYTIDEKFVKDAVEDYDVDGIIGIAGTTELGTIDNIEELSKIAKENNIYIHVDAAFGGLVIPFL
DDKYKKKGVNYKFDFSLGVDSITIDPHAMGHCPIPSGGILFKDIGYKRYLDVDAPYLTETRQATILGTRVGFGGACTYAV
LRYLGREGQRKIVNECMENTLYLYKKLKENNFKPVIEPILNIVAIEDEDYKEVCKKLRDRGIYVSVCNCVKALRIVVMPH
IKREHIDNFIEILNSIKRD
;
_entity_poly.pdbx_strand_id   A
#
# COMPACT_ATOMS: atom_id res chain seq x y z
N ARG A 21 -15.72 -31.94 1.93
CA ARG A 21 -14.61 -32.85 1.72
C ARG A 21 -14.13 -33.37 3.07
N ASN A 22 -14.03 -34.69 3.20
CA ASN A 22 -13.60 -35.31 4.44
C ASN A 22 -12.19 -35.86 4.29
N MET A 23 -11.48 -35.88 5.40
CA MET A 23 -10.18 -36.51 5.45
C MET A 23 -10.35 -38.00 5.15
N GLN A 24 -9.44 -38.53 4.34
CA GLN A 24 -9.45 -39.94 3.90
C GLN A 24 -8.27 -40.70 4.48
N GLU A 25 -8.47 -42.02 4.67
CA GLU A 25 -7.38 -42.88 5.11
C GLU A 25 -6.28 -42.96 4.07
N LYS A 26 -6.63 -43.25 2.82
CA LYS A 26 -5.64 -43.45 1.78
C LYS A 26 -5.27 -42.12 1.11
N GLY A 27 -3.99 -41.99 0.78
CA GLY A 27 -3.52 -40.81 0.06
C GLY A 27 -3.84 -40.95 -1.41
N VAL A 28 -3.52 -39.92 -2.18
CA VAL A 28 -3.70 -39.93 -3.62
C VAL A 28 -2.36 -39.60 -4.28
N SER A 29 -2.29 -39.83 -5.58
CA SER A 29 -1.04 -39.59 -6.28
C SER A 29 -0.82 -38.10 -6.52
N GLU A 30 0.44 -37.75 -6.76
CA GLU A 30 0.76 -36.38 -7.13
C GLU A 30 -0.01 -35.94 -8.37
N LYS A 31 -0.12 -36.82 -9.38
CA LYS A 31 -0.83 -36.40 -10.60
C LYS A 31 -2.29 -36.10 -10.29
N GLU A 32 -2.94 -36.90 -9.45
CA GLU A 32 -4.33 -36.64 -9.13
C GLU A 32 -4.48 -35.30 -8.42
N ILE A 33 -3.64 -35.04 -7.44
CA ILE A 33 -3.87 -33.83 -6.64
C ILE A 33 -3.46 -32.59 -7.43
N LEU A 34 -2.39 -32.68 -8.23
CA LEU A 34 -2.00 -31.52 -9.05
C LEU A 34 -3.06 -31.22 -10.11
N GLU A 35 -3.64 -32.24 -10.72
CA GLU A 35 -4.66 -31.97 -11.73
CA GLU A 35 -4.71 -32.05 -11.71
C GLU A 35 -5.91 -31.36 -11.08
N GLU A 36 -6.27 -31.81 -9.87
CA GLU A 36 -7.39 -31.17 -9.18
C GLU A 36 -7.09 -29.69 -8.91
N LEU A 37 -5.91 -29.41 -8.37
CA LEU A 37 -5.58 -28.02 -8.05
C LEU A 37 -5.55 -27.15 -9.30
N LYS A 38 -5.04 -27.70 -10.41
CA LYS A 38 -5.04 -26.93 -11.65
C LYS A 38 -6.46 -26.65 -12.16
N LYS A 39 -7.40 -27.56 -11.95
CA LYS A 39 -8.80 -27.27 -12.27
C LYS A 39 -9.34 -26.10 -11.44
N TYR A 40 -9.00 -26.06 -10.15
CA TYR A 40 -9.43 -24.90 -9.36
C TYR A 40 -8.72 -23.64 -9.83
N ARG A 41 -7.41 -23.72 -10.08
CA ARG A 41 -6.71 -22.52 -10.55
C ARG A 41 -7.35 -22.00 -11.83
N SER A 42 -7.88 -22.90 -12.68
N SER A 42 -7.86 -22.89 -12.69
CA SER A 42 -8.54 -22.48 -13.92
CA SER A 42 -8.51 -22.43 -13.92
C SER A 42 -9.81 -21.69 -13.67
C SER A 42 -9.72 -21.55 -13.60
N LEU A 43 -10.38 -21.78 -12.46
CA LEU A 43 -11.53 -20.96 -12.12
C LEU A 43 -11.14 -19.54 -11.73
N ASP A 44 -9.89 -19.35 -11.32
CA ASP A 44 -9.38 -18.02 -10.97
C ASP A 44 -9.23 -17.14 -12.20
N LEU A 45 -9.28 -15.83 -11.99
CA LEU A 45 -8.71 -14.91 -12.96
C LEU A 45 -7.19 -14.91 -12.85
N LYS A 46 -6.52 -14.46 -13.91
CA LYS A 46 -5.08 -14.25 -13.94
C LYS A 46 -4.80 -12.81 -14.34
N TYR A 47 -3.78 -12.18 -13.72
CA TYR A 47 -3.54 -10.77 -13.98
C TYR A 47 -3.31 -10.50 -15.46
N GLU A 48 -2.65 -11.42 -16.15
CA GLU A 48 -2.21 -11.14 -17.52
C GLU A 48 -3.31 -11.27 -18.55
N ASP A 49 -4.55 -11.58 -18.15
CA ASP A 49 -5.59 -11.90 -19.11
C ASP A 49 -6.54 -10.75 -19.46
N GLY A 50 -6.35 -9.56 -18.89
CA GLY A 50 -7.19 -8.43 -19.24
C GLY A 50 -8.53 -8.41 -18.56
N ASN A 51 -8.64 -9.06 -17.42
CA ASN A 51 -9.86 -9.13 -16.63
C ASN A 51 -9.83 -8.27 -15.39
N ILE A 52 -8.65 -8.20 -14.75
CA ILE A 52 -8.52 -7.62 -13.42
C ILE A 52 -8.15 -6.15 -13.57
N PHE A 53 -9.07 -5.27 -13.18
CA PHE A 53 -8.84 -3.84 -13.28
C PHE A 53 -8.83 -3.13 -11.93
N GLY A 54 -9.10 -3.82 -10.82
CA GLY A 54 -9.26 -3.15 -9.55
C GLY A 54 -8.34 -3.60 -8.44
N SER A 55 -7.21 -4.17 -8.81
CA SER A 55 -6.26 -4.76 -7.88
C SER A 55 -4.99 -3.92 -7.79
N MET A 56 -4.47 -3.75 -6.57
CA MET A 56 -3.17 -3.13 -6.35
C MET A 56 -2.03 -4.14 -6.29
N CYS A 57 -2.32 -5.40 -6.60
CA CYS A 57 -1.32 -6.44 -6.86
C CYS A 57 -1.32 -6.78 -8.34
N SER A 58 -0.22 -7.33 -8.81
CA SER A 58 -0.13 -7.71 -10.23
C SER A 58 0.81 -8.89 -10.38
N ASN A 59 1.21 -9.15 -11.62
CA ASN A 59 2.20 -10.20 -11.89
C ASN A 59 3.51 -9.90 -11.17
N VAL A 60 4.15 -10.94 -10.64
CA VAL A 60 5.42 -10.77 -9.97
C VAL A 60 6.51 -10.74 -11.04
N LEU A 61 7.61 -10.09 -10.72
CA LEU A 61 8.77 -10.16 -11.60
C LEU A 61 9.23 -11.62 -11.69
N PRO A 62 9.42 -12.17 -12.89
CA PRO A 62 9.61 -13.62 -13.00
C PRO A 62 10.78 -14.15 -12.18
N ILE A 63 11.83 -13.36 -12.00
CA ILE A 63 12.96 -13.83 -11.20
C ILE A 63 12.54 -14.19 -9.78
N THR A 64 11.45 -13.61 -9.28
CA THR A 64 11.09 -13.87 -7.89
C THR A 64 10.64 -15.31 -7.67
N ARG A 65 10.19 -15.99 -8.72
CA ARG A 65 9.79 -17.39 -8.57
C ARG A 65 10.97 -18.26 -8.16
N LYS A 66 12.14 -18.00 -8.73
CA LYS A 66 13.35 -18.70 -8.31
C LYS A 66 13.73 -18.36 -6.89
N ILE A 67 13.56 -17.09 -6.50
CA ILE A 67 13.94 -16.65 -5.17
C ILE A 67 13.05 -17.28 -4.13
N VAL A 68 11.74 -17.29 -4.38
CA VAL A 68 10.80 -17.99 -3.51
C VAL A 68 11.23 -19.44 -3.32
N ASP A 69 11.61 -20.11 -4.40
CA ASP A 69 12.02 -21.50 -4.23
C ASP A 69 13.26 -21.60 -3.36
N ILE A 70 14.26 -20.74 -3.59
CA ILE A 70 15.49 -20.82 -2.81
C ILE A 70 15.21 -20.59 -1.33
N PHE A 71 14.32 -19.64 -1.01
CA PHE A 71 14.13 -19.21 0.36
C PHE A 71 12.85 -19.73 0.99
N LEU A 72 12.20 -20.71 0.35
CA LEU A 72 10.93 -21.22 0.86
C LEU A 72 11.07 -21.78 2.28
N GLU A 73 12.16 -22.52 2.52
CA GLU A 73 12.39 -23.16 3.81
C GLU A 73 13.28 -22.32 4.71
N THR A 74 12.90 -21.06 4.86
CA THR A 74 13.48 -20.15 5.83
C THR A 74 12.34 -19.58 6.66
N ASN A 75 12.69 -18.91 7.75
CA ASN A 75 11.71 -18.44 8.72
C ASN A 75 12.32 -17.27 9.49
N LEU A 76 11.87 -16.06 9.19
CA LEU A 76 12.43 -14.91 9.89
C LEU A 76 11.89 -14.77 11.30
N GLY A 77 11.01 -15.66 11.73
CA GLY A 77 10.72 -15.72 13.15
C GLY A 77 11.80 -16.34 14.00
N ASP A 78 12.77 -17.01 13.37
CA ASP A 78 13.90 -17.62 14.07
C ASP A 78 15.16 -17.24 13.30
N PRO A 79 15.49 -15.95 13.30
CA PRO A 79 16.56 -15.48 12.43
C PRO A 79 17.93 -16.03 12.82
N GLY A 80 18.10 -16.52 14.04
CA GLY A 80 19.37 -17.12 14.43
C GLY A 80 19.72 -18.38 13.66
N LEU A 81 18.72 -19.00 13.03
CA LEU A 81 18.94 -20.17 12.21
C LEU A 81 19.21 -19.81 10.77
N PHE A 82 18.86 -18.60 10.35
CA PHE A 82 18.88 -18.22 8.93
C PHE A 82 19.58 -16.85 8.84
N LYS A 83 20.86 -16.82 9.19
CA LYS A 83 21.56 -15.54 9.30
C LYS A 83 21.62 -14.81 7.98
N GLY A 84 21.76 -15.55 6.88
CA GLY A 84 21.82 -14.88 5.59
C GLY A 84 20.49 -14.30 5.16
N THR A 85 19.41 -15.05 5.33
CA THR A 85 18.08 -14.51 5.03
C THR A 85 17.79 -13.29 5.91
N LYS A 86 18.23 -13.32 7.18
CA LYS A 86 18.06 -12.16 8.05
C LYS A 86 18.86 -10.97 7.52
N LEU A 87 20.11 -11.20 7.07
CA LEU A 87 20.87 -10.10 6.48
C LEU A 87 20.17 -9.54 5.24
N LEU A 88 19.57 -10.40 4.45
CA LEU A 88 18.84 -9.91 3.28
C LEU A 88 17.62 -9.09 3.68
N GLU A 89 16.94 -9.42 4.78
CA GLU A 89 15.86 -8.54 5.23
C GLU A 89 16.43 -7.16 5.59
N GLU A 90 17.55 -7.14 6.28
CA GLU A 90 18.17 -5.87 6.65
C GLU A 90 18.58 -5.08 5.41
N LYS A 91 19.13 -5.76 4.41
CA LYS A 91 19.52 -5.08 3.17
C LYS A 91 18.30 -4.57 2.40
N ALA A 92 17.21 -5.33 2.38
CA ALA A 92 15.99 -4.87 1.73
C ALA A 92 15.46 -3.61 2.41
N VAL A 93 15.47 -3.61 3.75
CA VAL A 93 15.01 -2.44 4.50
C VAL A 93 15.91 -1.25 4.21
N ALA A 94 17.23 -1.50 4.13
CA ALA A 94 18.18 -0.42 3.81
C ALA A 94 17.95 0.17 2.43
N LEU A 95 17.65 -0.67 1.44
CA LEU A 95 17.40 -0.13 0.11
C LEU A 95 16.12 0.70 0.07
N LEU A 96 15.05 0.21 0.71
CA LEU A 96 13.83 1.02 0.82
C LEU A 96 14.11 2.32 1.57
N GLY A 97 14.87 2.22 2.67
CA GLY A 97 15.25 3.41 3.41
C GLY A 97 16.00 4.41 2.55
N SER A 98 16.96 3.91 1.76
CA SER A 98 17.69 4.79 0.85
C SER A 98 16.76 5.45 -0.16
N LEU A 99 15.81 4.69 -0.69
CA LEU A 99 14.81 5.25 -1.60
C LEU A 99 14.01 6.34 -0.92
N LEU A 100 13.78 6.23 0.38
CA LEU A 100 13.00 7.18 1.17
C LEU A 100 13.87 8.18 1.91
N ASN A 101 15.13 8.33 1.51
CA ASN A 101 16.03 9.35 2.06
C ASN A 101 16.38 9.12 3.51
N ASN A 102 16.61 7.86 3.89
CA ASN A 102 17.02 7.59 5.27
C ASN A 102 17.86 6.32 5.28
N LYS A 103 19.19 6.49 5.34
CA LYS A 103 20.15 5.41 5.40
C LYS A 103 20.28 4.79 6.79
N ASP A 104 19.55 5.27 7.78
CA ASP A 104 19.58 4.67 9.11
C ASP A 104 18.23 4.05 9.49
N ALA A 105 17.33 3.85 8.53
CA ALA A 105 16.00 3.40 8.91
C ALA A 105 16.09 2.07 9.65
N TYR A 106 15.17 1.87 10.57
CA TYR A 106 14.97 0.61 11.26
C TYR A 106 13.63 0.06 10.80
N GLY A 107 13.59 -1.20 10.40
CA GLY A 107 12.32 -1.69 9.88
C GLY A 107 12.34 -3.18 9.59
N HIS A 108 11.25 -3.61 8.95
CA HIS A 108 11.03 -5.03 8.66
C HIS A 108 10.29 -5.17 7.35
N ILE A 109 10.55 -6.29 6.68
CA ILE A 109 9.77 -6.74 5.53
C ILE A 109 8.74 -7.69 6.11
N VAL A 110 7.48 -7.22 6.22
CA VAL A 110 6.44 -7.88 6.99
C VAL A 110 5.44 -8.48 6.01
N SER A 111 4.22 -8.81 6.48
CA SER A 111 3.28 -9.57 5.66
C SER A 111 2.49 -8.71 4.67
N GLY A 112 2.53 -7.40 4.82
CA GLY A 112 1.74 -6.51 4.00
C GLY A 112 1.59 -5.16 4.65
N GLY A 113 0.85 -4.28 3.95
CA GLY A 113 0.60 -2.95 4.47
C GLY A 113 -0.25 -2.93 5.74
N THR A 114 -1.09 -3.95 5.91
CA THR A 114 -1.91 -4.04 7.13
C THR A 114 -1.03 -4.23 8.37
N GLU A 115 -0.16 -5.23 8.33
CA GLU A 115 0.74 -5.44 9.46
C GLU A 115 1.64 -4.24 9.68
N ALA A 116 2.11 -3.62 8.60
CA ALA A 116 2.94 -2.44 8.71
C ALA A 116 2.20 -1.32 9.43
N ASN A 117 0.99 -1.00 8.98
CA ASN A 117 0.21 0.02 9.64
C ASN A 117 -0.07 -0.35 11.10
N LEU A 118 -0.39 -1.63 11.36
CA LEU A 118 -0.65 -2.04 12.73
C LEU A 118 0.58 -1.85 13.62
N MET A 119 1.77 -2.14 13.10
CA MET A 119 2.99 -1.91 13.88
C MET A 119 3.24 -0.43 14.15
N ALA A 120 2.96 0.43 13.17
CA ALA A 120 3.06 1.86 13.43
C ALA A 120 2.09 2.28 14.52
N LEU A 121 0.85 1.77 14.46
CA LEU A 121 -0.13 2.06 15.50
C LEU A 121 0.32 1.53 16.86
N ARG A 122 0.94 0.35 16.90
CA ARG A 122 1.46 -0.17 18.17
C ARG A 122 2.50 0.75 18.76
N CYS A 123 3.39 1.25 17.91
CA CYS A 123 4.43 2.17 18.33
C CYS A 123 3.83 3.45 18.89
N ILE A 124 2.89 4.05 18.16
CA ILE A 124 2.18 5.23 18.63
C ILE A 124 1.54 4.94 20.00
N LYS A 125 0.89 3.79 20.13
CA LYS A 125 0.21 3.48 21.38
C LYS A 125 1.20 3.28 22.52
N ASN A 126 2.35 2.68 22.26
CA ASN A 126 3.31 2.47 23.35
C ASN A 126 4.06 3.73 23.73
N ILE A 127 4.25 4.68 22.81
CA ILE A 127 4.73 6.00 23.20
C ILE A 127 3.73 6.68 24.12
N TRP A 128 2.44 6.60 23.79
CA TRP A 128 1.40 7.09 24.68
C TRP A 128 1.41 6.37 26.02
N ARG A 129 1.54 5.03 26.01
CA ARG A 129 1.51 4.31 27.29
C ARG A 129 2.59 4.82 28.23
N GLU A 130 3.79 5.04 27.69
CA GLU A 130 4.89 5.54 28.51
C GLU A 130 4.54 6.88 29.13
N LYS A 131 3.96 7.79 28.33
CA LYS A 131 3.50 9.06 28.87
C LYS A 131 2.46 8.86 29.95
N ARG A 132 1.48 8.00 29.67
CA ARG A 132 0.42 7.73 30.62
C ARG A 132 0.99 7.23 31.93
N ARG A 133 1.99 6.35 31.87
CA ARG A 133 2.58 5.82 33.11
C ARG A 133 3.27 6.91 33.91
N LYS A 134 3.78 7.95 33.25
CA LYS A 134 4.51 9.03 33.90
C LYS A 134 3.60 10.20 34.26
N GLY A 135 2.30 10.10 34.00
CA GLY A 135 1.39 11.18 34.24
C GLY A 135 1.45 12.28 33.21
N LEU A 136 1.93 11.98 32.01
CA LEU A 136 2.15 13.00 30.97
C LEU A 136 1.11 12.93 29.86
N SER A 137 -0.03 12.28 30.12
CA SER A 137 -1.14 12.28 29.16
C SER A 137 -2.45 12.18 29.92
N LYS A 138 -3.38 13.05 29.56
CA LYS A 138 -4.75 13.02 30.06
C LYS A 138 -5.67 12.17 29.20
N ASN A 139 -5.17 11.55 28.13
CA ASN A 139 -5.97 10.68 27.29
C ASN A 139 -6.03 9.28 27.86
N GLU A 140 -7.24 8.74 27.99
CA GLU A 140 -7.42 7.37 28.47
C GLU A 140 -7.09 6.35 27.39
N HIS A 141 -7.02 6.78 26.14
CA HIS A 141 -6.64 5.95 25.01
C HIS A 141 -5.87 6.86 24.06
N PRO A 142 -4.95 6.33 23.27
CA PRO A 142 -4.22 7.19 22.32
C PRO A 142 -5.21 7.93 21.47
N ILE A 144 -5.64 9.74 17.89
CA ILE A 144 -4.90 9.78 16.63
C ILE A 144 -5.76 10.43 15.55
N ILE A 145 -5.17 11.40 14.85
CA ILE A 145 -5.82 12.06 13.74
C ILE A 145 -5.62 11.23 12.48
N VAL A 146 -6.72 10.84 11.86
CA VAL A 146 -6.74 9.92 10.73
C VAL A 146 -7.65 10.49 9.66
N PRO A 147 -7.19 10.67 8.42
CA PRO A 147 -8.10 11.15 7.37
C PRO A 147 -9.14 10.10 7.02
N ILE A 148 -10.32 10.58 6.58
CA ILE A 148 -11.40 9.66 6.28
C ILE A 148 -11.12 8.77 5.08
N THR A 149 -10.06 9.09 4.32
CA THR A 149 -9.57 8.30 3.19
C THR A 149 -8.65 7.15 3.62
N ALA A 150 -8.44 6.96 4.90
CA ALA A 150 -7.51 5.95 5.36
C ALA A 150 -7.97 4.55 5.00
N HIS A 151 -6.99 3.70 4.73
CA HIS A 151 -7.29 2.31 4.43
C HIS A 151 -7.90 1.57 5.63
N PHE A 152 -8.68 0.53 5.33
CA PHE A 152 -9.42 -0.24 6.32
C PHE A 152 -8.53 -0.86 7.41
N SER A 153 -7.24 -1.06 7.12
CA SER A 153 -6.33 -1.56 8.14
C SER A 153 -6.31 -0.63 9.35
N PHE A 154 -6.52 0.67 9.16
CA PHE A 154 -6.57 1.57 10.30
C PHE A 154 -7.80 1.30 11.17
N GLU A 155 -8.90 0.87 10.58
N GLU A 155 -8.91 0.88 10.57
CA GLU A 155 -10.07 0.49 11.39
CA GLU A 155 -10.07 0.49 11.37
C GLU A 155 -9.80 -0.81 12.14
C GLU A 155 -9.81 -0.80 12.14
N LYS A 156 -9.12 -1.77 11.50
CA LYS A 156 -8.74 -2.98 12.24
C LYS A 156 -7.89 -2.64 13.45
N GLY A 157 -6.96 -1.70 13.28
CA GLY A 157 -6.11 -1.29 14.40
C GLY A 157 -6.92 -0.60 15.48
N ARG A 158 -7.83 0.30 15.07
CA ARG A 158 -8.64 0.99 16.08
C ARG A 158 -9.43 -0.01 16.88
N GLU A 159 -10.04 -0.98 16.18
CA GLU A 159 -10.93 -1.93 16.82
C GLU A 159 -10.18 -2.84 17.75
N MET A 160 -8.98 -3.27 17.34
CA MET A 160 -8.23 -4.19 18.17
C MET A 160 -7.59 -3.49 19.36
N MET A 161 -7.00 -2.30 19.12
CA MET A 161 -6.14 -1.67 20.13
C MET A 161 -6.84 -0.60 20.94
N ASP A 162 -8.15 -0.42 20.73
CA ASP A 162 -8.94 0.53 21.50
C ASP A 162 -8.39 1.94 21.36
N LEU A 163 -8.12 2.32 20.12
CA LEU A 163 -7.65 3.67 19.83
C LEU A 163 -8.83 4.62 19.67
N GLU A 164 -8.59 5.89 20.00
CA GLU A 164 -9.55 6.94 19.71
C GLU A 164 -9.10 7.68 18.45
N TYR A 165 -9.92 7.64 17.40
CA TYR A 165 -9.61 8.38 16.18
C TYR A 165 -10.37 9.69 16.13
N ILE A 166 -9.67 10.75 15.75
CA ILE A 166 -10.26 12.01 15.32
C ILE A 166 -10.19 11.98 13.81
N TYR A 167 -11.32 11.81 13.14
CA TYR A 167 -11.33 11.66 11.70
C TYR A 167 -11.17 13.02 11.06
N ALA A 168 -10.15 13.17 10.22
CA ALA A 168 -9.95 14.45 9.56
C ALA A 168 -10.70 14.48 8.24
N PRO A 169 -11.40 15.59 7.97
CA PRO A 169 -12.07 15.73 6.68
C PRO A 169 -11.06 15.97 5.56
N ILE A 170 -11.55 15.80 4.34
CA ILE A 170 -10.74 16.02 3.14
C ILE A 170 -11.27 17.25 2.42
N LYS A 171 -10.38 17.84 1.63
CA LYS A 171 -10.66 19.02 0.82
C LYS A 171 -11.26 18.59 -0.51
N GLU A 172 -11.55 19.59 -1.35
CA GLU A 172 -12.16 19.31 -2.64
C GLU A 172 -11.26 18.45 -3.53
N ASP A 173 -9.94 18.53 -3.35
CA ASP A 173 -9.02 17.66 -4.08
C ASP A 173 -8.82 16.31 -3.40
N TYR A 174 -9.61 16.00 -2.37
CA TYR A 174 -9.64 14.69 -1.73
C TYR A 174 -8.40 14.43 -0.89
N THR A 175 -7.66 15.48 -0.55
CA THR A 175 -6.53 15.36 0.37
C THR A 175 -6.93 15.90 1.73
N ILE A 176 -6.18 15.48 2.74
CA ILE A 176 -6.50 15.85 4.11
C ILE A 176 -6.47 17.36 4.30
N ASP A 177 -7.41 17.86 5.07
CA ASP A 177 -7.52 19.29 5.41
C ASP A 177 -6.48 19.61 6.46
N GLU A 178 -5.37 20.26 6.04
CA GLU A 178 -4.28 20.51 6.97
C GLU A 178 -4.68 21.52 8.04
N LYS A 179 -5.55 22.47 7.71
CA LYS A 179 -5.92 23.44 8.75
C LYS A 179 -6.74 22.77 9.84
N PHE A 180 -7.58 21.80 9.48
CA PHE A 180 -8.29 21.02 10.51
C PHE A 180 -7.30 20.33 11.44
N VAL A 181 -6.29 19.68 10.87
CA VAL A 181 -5.29 19.00 11.69
C VAL A 181 -4.60 19.99 12.61
N LYS A 182 -4.21 21.15 12.08
CA LYS A 182 -3.51 22.11 12.91
C LYS A 182 -4.39 22.57 14.06
N ASP A 183 -5.65 22.89 13.74
CA ASP A 183 -6.60 23.33 14.76
C ASP A 183 -6.84 22.24 15.80
N ALA A 184 -6.98 20.98 15.35
CA ALA A 184 -7.25 19.91 16.30
C ALA A 184 -6.08 19.68 17.23
N VAL A 185 -4.86 19.84 16.72
CA VAL A 185 -3.68 19.66 17.55
C VAL A 185 -3.58 20.77 18.59
N GLU A 186 -4.08 21.97 18.28
CA GLU A 186 -4.15 23.01 19.29
C GLU A 186 -5.24 22.73 20.32
N ASP A 187 -6.40 22.23 19.89
CA ASP A 187 -7.53 22.06 20.79
C ASP A 187 -7.40 20.83 21.68
N TYR A 188 -6.74 19.79 21.19
CA TYR A 188 -6.72 18.50 21.84
C TYR A 188 -5.29 18.06 22.07
N ASP A 189 -5.13 17.10 22.98
CA ASP A 189 -3.85 16.45 23.19
C ASP A 189 -3.79 15.25 22.26
N VAL A 190 -2.90 15.28 21.27
CA VAL A 190 -2.91 14.34 20.16
C VAL A 190 -1.67 13.46 20.28
N ASP A 191 -1.86 12.14 20.10
CA ASP A 191 -0.78 11.18 20.21
C ASP A 191 -0.21 10.73 18.87
N GLY A 192 -0.90 11.01 17.77
CA GLY A 192 -0.40 10.62 16.47
C GLY A 192 -1.16 11.27 15.33
N ILE A 193 -0.50 11.41 14.19
CA ILE A 193 -1.10 11.91 12.96
C ILE A 193 -0.78 10.90 11.86
N ILE A 194 -1.80 10.59 11.04
CA ILE A 194 -1.63 9.75 9.86
C ILE A 194 -1.79 10.59 8.60
N GLY A 195 -0.83 10.47 7.69
CA GLY A 195 -0.94 11.05 6.36
C GLY A 195 -0.78 9.94 5.34
N ILE A 196 -1.43 10.10 4.20
CA ILE A 196 -1.47 9.06 3.17
C ILE A 196 -0.77 9.55 1.91
N ALA A 197 0.19 8.78 1.43
CA ALA A 197 0.92 9.09 0.19
C ALA A 197 0.46 8.08 -0.87
N GLY A 198 -0.70 8.37 -1.46
CA GLY A 198 -1.29 7.44 -2.40
C GLY A 198 -2.54 6.78 -1.83
N THR A 199 -3.67 7.50 -1.78
CA THR A 199 -4.85 6.93 -1.15
C THR A 199 -5.36 5.72 -1.93
N THR A 200 -5.96 4.79 -1.20
CA THR A 200 -6.48 3.58 -1.83
C THR A 200 -7.50 3.89 -2.91
N GLU A 201 -8.41 4.81 -2.65
CA GLU A 201 -9.54 5.00 -3.58
C GLU A 201 -9.13 5.78 -4.82
N LEU A 202 -8.31 6.82 -4.67
CA LEU A 202 -8.09 7.76 -5.76
C LEU A 202 -6.62 8.01 -6.09
N GLY A 203 -5.69 7.54 -5.27
CA GLY A 203 -4.30 7.78 -5.51
C GLY A 203 -3.80 9.17 -5.18
N THR A 204 -4.50 9.91 -4.34
CA THR A 204 -4.07 11.25 -3.99
C THR A 204 -3.03 11.22 -2.87
N ILE A 205 -2.36 12.35 -2.72
CA ILE A 205 -1.19 12.49 -1.83
C ILE A 205 -1.52 13.60 -0.84
N ASP A 206 -1.64 13.25 0.44
CA ASP A 206 -1.79 14.26 1.49
C ASP A 206 -0.58 15.19 1.52
N ASN A 207 -0.78 16.38 2.06
CA ASN A 207 0.28 17.38 2.22
C ASN A 207 1.16 16.98 3.41
N ILE A 208 1.98 15.94 3.18
CA ILE A 208 2.84 15.42 4.25
C ILE A 208 3.82 16.50 4.73
N GLU A 209 4.28 17.37 3.84
CA GLU A 209 5.21 18.41 4.27
C GLU A 209 4.59 19.28 5.36
N GLU A 210 3.35 19.74 5.15
CA GLU A 210 2.70 20.54 6.18
C GLU A 210 2.37 19.68 7.41
N LEU A 211 1.89 18.45 7.20
CA LEU A 211 1.56 17.62 8.36
C LEU A 211 2.80 17.37 9.21
N SER A 212 3.94 17.16 8.55
N SER A 212 3.94 17.14 8.57
CA SER A 212 5.18 16.90 9.29
CA SER A 212 5.14 16.89 9.34
C SER A 212 5.64 18.13 10.05
C SER A 212 5.58 18.15 10.10
N LYS A 213 5.37 19.33 9.52
CA LYS A 213 5.71 20.55 10.25
C LYS A 213 4.86 20.67 11.50
N ILE A 214 3.54 20.47 11.37
CA ILE A 214 2.65 20.46 12.52
C ILE A 214 3.13 19.43 13.53
N ALA A 215 3.46 18.24 13.05
CA ALA A 215 3.84 17.17 13.96
C ALA A 215 5.13 17.53 14.69
N LYS A 216 6.12 18.04 13.95
CA LYS A 216 7.40 18.36 14.58
C LYS A 216 7.25 19.51 15.57
N GLU A 217 6.50 20.55 15.21
CA GLU A 217 6.34 21.69 16.11
C GLU A 217 5.60 21.31 17.38
N ASN A 218 4.81 20.25 17.36
CA ASN A 218 4.03 19.85 18.52
C ASN A 218 4.47 18.54 19.15
N ASN A 219 5.57 17.97 18.67
N ASN A 219 5.62 18.01 18.71
CA ASN A 219 6.15 16.76 19.25
CA ASN A 219 6.17 16.75 19.19
C ASN A 219 5.21 15.57 19.12
C ASN A 219 5.10 15.65 19.16
N ILE A 220 4.54 15.47 17.96
CA ILE A 220 3.54 14.42 17.70
C ILE A 220 4.13 13.45 16.69
N TYR A 221 4.01 12.16 16.97
CA TYR A 221 4.36 11.12 16.01
C TYR A 221 3.54 11.23 14.73
N ILE A 222 4.20 11.12 13.58
CA ILE A 222 3.50 11.12 12.31
C ILE A 222 3.90 9.89 11.50
N HIS A 223 2.90 9.14 11.05
CA HIS A 223 3.07 7.97 10.20
C HIS A 223 2.55 8.30 8.82
N VAL A 224 3.30 7.91 7.80
CA VAL A 224 2.92 8.06 6.41
C VAL A 224 2.56 6.68 5.85
N ASP A 225 1.34 6.55 5.36
CA ASP A 225 0.96 5.32 4.68
C ASP A 225 1.26 5.48 3.20
N ALA A 226 2.39 4.92 2.76
CA ALA A 226 2.81 4.91 1.37
C ALA A 226 2.79 3.48 0.83
N ALA A 227 1.88 2.64 1.38
CA ALA A 227 1.79 1.25 0.97
C ALA A 227 1.88 1.11 -0.54
N PHE A 228 1.08 1.91 -1.23
CA PHE A 228 1.05 1.89 -2.68
C PHE A 228 1.99 2.93 -3.27
N GLY A 229 1.85 4.19 -2.82
CA GLY A 229 2.56 5.28 -3.45
C GLY A 229 4.05 5.29 -3.23
N GLY A 230 4.55 4.62 -2.19
CA GLY A 230 5.96 4.70 -1.88
C GLY A 230 6.84 4.17 -2.97
N LEU A 231 6.33 3.22 -3.77
CA LEU A 231 7.09 2.65 -4.88
C LEU A 231 6.62 3.20 -6.23
N VAL A 232 5.84 4.27 -6.22
CA VAL A 232 5.44 4.98 -7.42
C VAL A 232 5.98 6.41 -7.41
N ILE A 233 5.68 7.16 -6.34
CA ILE A 233 6.00 8.59 -6.30
C ILE A 233 7.47 8.88 -6.60
N PRO A 234 8.43 8.15 -6.02
CA PRO A 234 9.84 8.49 -6.28
C PRO A 234 10.27 8.29 -7.72
N PHE A 235 9.44 7.67 -8.54
CA PHE A 235 9.82 7.30 -9.89
C PHE A 235 9.06 8.05 -10.96
N LEU A 236 8.21 9.01 -10.60
CA LEU A 236 7.32 9.65 -11.56
C LEU A 236 8.09 10.62 -12.46
N ASP A 237 7.93 10.45 -13.76
CA ASP A 237 8.48 11.44 -14.69
C ASP A 237 7.76 12.77 -14.53
N ASP A 238 8.48 13.83 -14.89
CA ASP A 238 7.97 15.16 -14.62
C ASP A 238 6.64 15.44 -15.32
N LYS A 239 6.39 14.83 -16.47
CA LYS A 239 5.18 15.15 -17.21
C LYS A 239 3.93 14.67 -16.49
N TYR A 240 4.08 13.75 -15.53
CA TYR A 240 2.93 13.25 -14.78
C TYR A 240 2.71 14.01 -13.49
N LYS A 241 3.65 14.86 -13.11
CA LYS A 241 3.53 15.63 -11.90
C LYS A 241 2.67 16.85 -12.19
N LYS A 242 1.85 17.23 -11.23
CA LYS A 242 0.86 18.26 -11.39
C LYS A 242 1.26 19.49 -10.59
N LYS A 243 1.04 20.66 -11.19
CA LYS A 243 1.29 21.90 -10.47
C LYS A 243 0.43 21.92 -9.21
N GLY A 244 1.03 22.36 -8.11
CA GLY A 244 0.29 22.48 -6.88
C GLY A 244 0.11 21.20 -6.10
N VAL A 245 0.47 20.05 -6.64
CA VAL A 245 0.54 18.82 -5.85
C VAL A 245 1.95 18.76 -5.27
N ASN A 246 2.06 18.53 -3.96
CA ASN A 246 3.38 18.29 -3.38
C ASN A 246 3.57 16.77 -3.35
N TYR A 247 4.71 16.33 -3.85
CA TYR A 247 5.04 14.91 -3.94
C TYR A 247 5.99 14.49 -2.84
N LYS A 248 6.36 15.40 -1.95
CA LYS A 248 7.29 15.07 -0.88
C LYS A 248 6.53 14.27 0.18
N PHE A 249 7.11 13.14 0.59
CA PHE A 249 6.42 12.30 1.58
C PHE A 249 7.33 11.52 2.51
N ASP A 250 8.66 11.56 2.29
CA ASP A 250 9.52 10.55 2.89
C ASP A 250 10.30 11.10 4.10
N PHE A 251 11.38 10.39 4.49
CA PHE A 251 12.08 10.75 5.70
C PHE A 251 12.85 12.07 5.59
N SER A 252 12.98 12.62 4.39
CA SER A 252 13.52 13.98 4.28
C SER A 252 12.64 15.00 4.98
N LEU A 253 11.37 14.66 5.22
CA LEU A 253 10.47 15.52 5.98
C LEU A 253 10.49 15.26 7.48
N GLY A 254 11.29 14.30 7.94
CA GLY A 254 11.39 14.03 9.36
C GLY A 254 10.26 13.21 9.93
N VAL A 255 9.50 12.51 9.10
CA VAL A 255 8.40 11.69 9.63
C VAL A 255 8.95 10.52 10.42
N ASP A 256 8.09 9.95 11.26
CA ASP A 256 8.48 8.90 12.19
C ASP A 256 8.46 7.51 11.59
N SER A 257 7.50 7.22 10.71
CA SER A 257 7.45 5.91 10.08
C SER A 257 6.72 6.01 8.75
N ILE A 258 6.99 5.02 7.90
CA ILE A 258 6.43 4.91 6.56
C ILE A 258 6.12 3.45 6.28
N THR A 259 4.89 3.19 5.85
CA THR A 259 4.50 1.91 5.27
C THR A 259 4.75 1.97 3.78
N ILE A 260 5.35 0.90 3.22
CA ILE A 260 5.68 0.84 1.80
C ILE A 260 5.74 -0.62 1.40
N ASP A 261 4.94 -1.03 0.40
CA ASP A 261 4.73 -2.47 0.17
C ASP A 261 5.28 -2.98 -1.15
N PRO A 262 6.34 -3.79 -1.12
CA PRO A 262 6.84 -4.41 -2.36
C PRO A 262 5.84 -5.26 -3.10
N HIS A 263 4.88 -5.90 -2.40
CA HIS A 263 3.94 -6.75 -3.17
C HIS A 263 2.81 -5.94 -3.82
N ALA A 264 2.84 -4.62 -3.70
CA ALA A 264 2.00 -3.76 -4.53
C ALA A 264 2.81 -3.38 -5.76
N MET A 265 3.38 -2.17 -5.80
CA MET A 265 4.06 -1.72 -7.01
C MET A 265 5.55 -2.07 -7.00
N GLY A 266 5.99 -2.97 -6.12
CA GLY A 266 7.32 -3.54 -6.18
C GLY A 266 7.43 -4.88 -6.90
N HIS A 267 6.34 -5.43 -7.40
CA HIS A 267 6.33 -6.66 -8.21
C HIS A 267 6.86 -7.86 -7.44
N CYS A 268 6.74 -7.81 -6.12
CA CYS A 268 7.19 -8.94 -5.33
C CYS A 268 6.02 -9.81 -4.92
N PRO A 269 6.27 -11.09 -4.70
CA PRO A 269 5.21 -11.99 -4.27
C PRO A 269 4.71 -11.68 -2.87
N ILE A 270 3.40 -11.86 -2.72
CA ILE A 270 2.80 -11.87 -1.38
C ILE A 270 3.41 -13.02 -0.58
N PRO A 271 3.78 -12.82 0.69
CA PRO A 271 3.71 -11.60 1.47
C PRO A 271 5.01 -10.78 1.46
N SER A 272 4.94 -9.52 1.01
CA SER A 272 6.06 -8.57 1.04
C SER A 272 5.49 -7.18 1.32
N GLY A 273 5.30 -6.87 2.59
CA GLY A 273 5.01 -5.52 3.05
C GLY A 273 6.22 -4.90 3.70
N GLY A 274 6.22 -3.59 3.86
CA GLY A 274 7.34 -2.87 4.43
C GLY A 274 6.90 -1.87 5.49
N ILE A 275 7.60 -1.86 6.62
CA ILE A 275 7.41 -0.83 7.65
C ILE A 275 8.80 -0.34 8.02
N LEU A 276 9.02 0.97 7.87
CA LEU A 276 10.27 1.63 8.20
C LEU A 276 10.03 2.71 9.23
N PHE A 277 10.85 2.72 10.27
CA PHE A 277 10.87 3.75 11.29
C PHE A 277 12.12 4.61 11.11
N LYS A 278 12.06 5.83 11.66
CA LYS A 278 13.11 6.80 11.39
C LYS A 278 14.46 6.31 11.87
N ASP A 279 14.52 5.64 13.03
CA ASP A 279 15.78 5.08 13.52
C ASP A 279 15.50 3.95 14.50
N ILE A 280 16.58 3.34 15.00
CA ILE A 280 16.49 2.18 15.87
C ILE A 280 15.88 2.52 17.22
N GLY A 281 15.82 3.80 17.58
CA GLY A 281 15.19 4.18 18.83
C GLY A 281 13.73 3.80 18.94
N TYR A 282 13.07 3.57 17.82
CA TYR A 282 11.65 3.17 17.84
C TYR A 282 11.48 1.70 18.20
N LYS A 283 12.54 0.88 18.08
CA LYS A 283 12.39 -0.55 18.31
C LYS A 283 11.87 -0.83 19.72
N ARG A 284 12.29 -0.03 20.70
CA ARG A 284 11.91 -0.32 22.07
C ARG A 284 10.40 -0.16 22.29
N TYR A 285 9.74 0.65 21.50
CA TYR A 285 8.30 0.83 21.59
C TYR A 285 7.51 -0.25 20.85
N LEU A 286 8.20 -1.20 20.21
CA LEU A 286 7.56 -2.36 19.61
C LEU A 286 7.71 -3.58 20.50
N ASP A 287 8.44 -3.46 21.61
CA ASP A 287 8.52 -4.54 22.59
C ASP A 287 7.14 -4.86 23.15
N VAL A 288 6.97 -6.13 23.58
CA VAL A 288 5.75 -6.59 24.23
C VAL A 288 6.08 -7.12 25.64
N GLN A 298 11.08 -9.76 19.73
CA GLN A 298 10.37 -9.76 18.45
C GLN A 298 9.46 -8.55 18.26
N ALA A 299 9.66 -7.85 17.15
CA ALA A 299 8.97 -6.60 16.92
C ALA A 299 7.79 -6.72 15.96
N THR A 300 7.74 -7.80 15.17
CA THR A 300 6.63 -8.00 14.24
C THR A 300 5.42 -8.53 14.96
N ILE A 301 4.24 -8.33 14.36
CA ILE A 301 3.04 -8.95 14.93
C ILE A 301 3.08 -10.46 14.71
N LEU A 302 3.39 -10.88 13.50
CA LEU A 302 3.51 -12.30 13.22
C LEU A 302 4.74 -12.87 13.93
N GLY A 303 4.71 -14.17 14.10
CA GLY A 303 5.80 -14.93 14.69
C GLY A 303 6.60 -15.57 13.58
N THR A 304 6.34 -16.86 13.37
CA THR A 304 6.86 -17.53 12.19
C THR A 304 6.42 -16.76 10.94
N ARG A 305 7.36 -16.53 10.04
CA ARG A 305 7.05 -15.64 8.92
C ARG A 305 8.06 -15.88 7.80
N VAL A 306 7.64 -15.52 6.57
CA VAL A 306 8.45 -15.85 5.42
C VAL A 306 9.80 -15.13 5.45
N GLY A 307 10.82 -15.80 4.90
CA GLY A 307 12.06 -15.16 4.57
C GLY A 307 12.16 -14.69 3.13
N PHE A 308 11.29 -15.21 2.25
CA PHE A 308 11.48 -14.85 0.84
C PHE A 308 11.04 -13.43 0.51
N GLY A 309 10.23 -12.80 1.37
CA GLY A 309 9.83 -11.42 1.07
C GLY A 309 11.03 -10.47 1.07
N GLY A 310 11.89 -10.58 2.09
CA GLY A 310 13.07 -9.74 2.12
C GLY A 310 14.03 -10.04 0.98
N ALA A 311 14.22 -11.32 0.69
CA ALA A 311 15.06 -11.70 -0.44
C ALA A 311 14.52 -11.13 -1.74
N CYS A 312 13.20 -11.25 -1.98
CA CYS A 312 12.66 -10.75 -3.23
C CYS A 312 12.74 -9.23 -3.29
N THR A 313 12.45 -8.56 -2.16
CA THR A 313 12.45 -7.10 -2.15
C THR A 313 13.83 -6.56 -2.50
N TYR A 314 14.85 -7.09 -1.83
CA TYR A 314 16.23 -6.71 -2.13
C TYR A 314 16.56 -7.02 -3.59
N ALA A 315 16.25 -8.23 -4.04
CA ALA A 315 16.65 -8.65 -5.38
C ALA A 315 15.94 -7.88 -6.48
N VAL A 316 14.64 -7.59 -6.32
CA VAL A 316 13.94 -6.85 -7.36
C VAL A 316 14.48 -5.44 -7.47
N LEU A 317 14.69 -4.76 -6.35
CA LEU A 317 15.20 -3.40 -6.39
C LEU A 317 16.63 -3.36 -6.97
N ARG A 318 17.44 -4.39 -6.67
CA ARG A 318 18.78 -4.45 -7.25
C ARG A 318 18.75 -4.79 -8.74
N TYR A 319 17.92 -5.76 -9.12
CA TYR A 319 17.79 -6.18 -10.51
C TYR A 319 17.30 -5.02 -11.37
N LEU A 320 16.27 -4.32 -10.91
CA LEU A 320 15.72 -3.23 -11.72
C LEU A 320 16.57 -1.97 -11.67
N GLY A 321 17.13 -1.66 -10.51
CA GLY A 321 17.66 -0.34 -10.23
C GLY A 321 16.56 0.70 -10.35
N ARG A 322 16.89 1.97 -10.08
CA ARG A 322 15.91 3.03 -10.31
C ARG A 322 15.48 3.10 -11.77
N GLU A 323 16.41 2.85 -12.70
CA GLU A 323 16.03 2.95 -14.11
C GLU A 323 14.94 1.96 -14.46
N GLY A 324 15.04 0.73 -13.96
CA GLY A 324 14.04 -0.26 -14.34
C GLY A 324 12.68 0.00 -13.70
N GLN A 325 12.68 0.48 -12.45
CA GLN A 325 11.40 0.80 -11.81
C GLN A 325 10.79 2.04 -12.43
N ARG A 326 11.62 3.03 -12.76
CA ARG A 326 11.12 4.20 -13.46
C ARG A 326 10.39 3.78 -14.74
N LYS A 327 10.99 2.89 -15.51
CA LYS A 327 10.37 2.46 -16.75
C LYS A 327 8.98 1.88 -16.49
N ILE A 328 8.88 0.97 -15.52
CA ILE A 328 7.60 0.34 -15.26
C ILE A 328 6.58 1.36 -14.76
N VAL A 329 6.98 2.22 -13.80
CA VAL A 329 6.06 3.19 -13.22
C VAL A 329 5.50 4.10 -14.30
N ASN A 330 6.38 4.60 -15.17
CA ASN A 330 5.90 5.58 -16.14
C ASN A 330 5.20 4.93 -17.32
N GLU A 331 5.47 3.65 -17.59
CA GLU A 331 4.61 2.89 -18.49
C GLU A 331 3.19 2.78 -17.93
N CYS A 332 3.06 2.51 -16.63
CA CYS A 332 1.73 2.49 -16.03
C CYS A 332 1.06 3.85 -16.13
N MET A 333 1.83 4.92 -15.88
CA MET A 333 1.27 6.26 -15.94
C MET A 333 0.87 6.63 -17.38
N GLU A 334 1.65 6.21 -18.38
CA GLU A 334 1.23 6.44 -19.75
C GLU A 334 -0.12 5.80 -20.02
N ASN A 335 -0.29 4.56 -19.54
CA ASN A 335 -1.56 3.88 -19.77
C ASN A 335 -2.68 4.47 -18.91
N THR A 336 -2.34 5.01 -17.74
CA THR A 336 -3.32 5.69 -16.92
C THR A 336 -3.86 6.93 -17.64
N LEU A 337 -2.95 7.74 -18.20
CA LEU A 337 -3.39 8.97 -18.86
C LEU A 337 -4.07 8.67 -20.18
N TYR A 338 -3.71 7.55 -20.82
CA TYR A 338 -4.46 7.09 -22.00
C TYR A 338 -5.89 6.74 -21.61
N LEU A 339 -6.07 6.01 -20.51
CA LEU A 339 -7.40 5.68 -20.04
C LEU A 339 -8.18 6.95 -19.70
N TYR A 340 -7.54 7.90 -19.03
CA TYR A 340 -8.22 9.14 -18.68
C TYR A 340 -8.71 9.87 -19.94
N LYS A 341 -7.83 9.99 -20.93
CA LYS A 341 -8.18 10.63 -22.20
C LYS A 341 -9.36 9.91 -22.87
N LYS A 342 -9.26 8.59 -23.02
CA LYS A 342 -10.33 7.83 -23.67
C LYS A 342 -11.65 7.98 -22.93
N LEU A 343 -11.61 8.04 -21.59
CA LEU A 343 -12.83 8.25 -20.82
C LEU A 343 -13.49 9.58 -21.18
N LYS A 344 -12.73 10.67 -21.14
CA LYS A 344 -13.31 11.99 -21.46
C LYS A 344 -13.84 12.01 -22.89
N GLU A 345 -13.04 11.50 -23.84
CA GLU A 345 -13.48 11.43 -25.23
C GLU A 345 -14.83 10.73 -25.36
N ASN A 346 -15.13 9.79 -24.47
CA ASN A 346 -16.38 9.05 -24.51
C ASN A 346 -17.40 9.57 -23.51
N ASN A 347 -17.21 10.82 -23.06
CA ASN A 347 -18.17 11.53 -22.21
C ASN A 347 -18.33 10.90 -20.84
N PHE A 348 -17.30 10.23 -20.32
CA PHE A 348 -17.30 9.78 -18.93
C PHE A 348 -16.56 10.81 -18.08
N LYS A 349 -16.91 10.85 -16.79
CA LYS A 349 -16.44 11.90 -15.89
C LYS A 349 -15.49 11.28 -14.87
N PRO A 350 -14.17 11.32 -15.09
CA PRO A 350 -13.24 10.89 -14.04
C PRO A 350 -13.41 11.74 -12.80
N VAL A 351 -13.25 11.11 -11.63
CA VAL A 351 -13.37 11.85 -10.38
C VAL A 351 -12.32 12.95 -10.29
N ILE A 352 -11.07 12.62 -10.65
CA ILE A 352 -9.99 13.59 -10.68
C ILE A 352 -9.06 13.22 -11.85
N GLU A 353 -8.29 14.22 -12.29
CA GLU A 353 -7.15 13.94 -13.15
C GLU A 353 -6.18 13.08 -12.34
N PRO A 354 -5.72 11.96 -12.86
CA PRO A 354 -4.97 11.01 -12.02
C PRO A 354 -3.65 11.62 -11.53
N ILE A 355 -3.32 11.25 -10.30
CA ILE A 355 -2.07 11.59 -9.66
C ILE A 355 -1.10 10.41 -9.74
N LEU A 356 -1.56 9.21 -9.38
CA LEU A 356 -0.82 7.98 -9.53
C LEU A 356 -1.57 7.14 -10.56
N ASN A 357 -1.24 5.85 -10.63
CA ASN A 357 -1.80 4.99 -11.68
C ASN A 357 -3.16 4.40 -11.27
N ILE A 358 -4.05 5.33 -10.89
CA ILE A 358 -5.39 5.03 -10.41
C ILE A 358 -6.32 6.06 -11.02
N VAL A 359 -7.43 5.62 -11.59
N VAL A 359 -7.43 5.58 -11.60
CA VAL A 359 -8.44 6.56 -12.07
CA VAL A 359 -8.48 6.40 -12.18
C VAL A 359 -9.82 5.98 -11.80
C VAL A 359 -9.82 5.91 -11.64
N ALA A 360 -10.72 6.85 -11.35
CA ALA A 360 -12.06 6.48 -10.91
C ALA A 360 -13.06 7.22 -11.79
N ILE A 361 -14.18 6.57 -12.06
CA ILE A 361 -15.19 7.05 -13.01
C ILE A 361 -16.47 7.32 -12.23
N GLU A 362 -16.90 8.56 -12.21
CA GLU A 362 -18.18 8.91 -11.58
C GLU A 362 -19.31 8.11 -12.24
N ASP A 363 -20.18 7.53 -11.42
CA ASP A 363 -21.35 6.85 -11.96
C ASP A 363 -22.38 6.64 -10.86
N GLU A 364 -23.61 7.12 -11.07
CA GLU A 364 -24.66 6.96 -10.06
C GLU A 364 -25.04 5.49 -9.90
N ASP A 365 -25.13 4.75 -11.01
CA ASP A 365 -25.43 3.31 -10.97
C ASP A 365 -24.16 2.48 -10.95
N TYR A 366 -23.17 2.90 -10.16
CA TYR A 366 -21.88 2.22 -10.17
C TYR A 366 -22.00 0.77 -9.72
N LYS A 367 -22.81 0.52 -8.69
CA LYS A 367 -22.98 -0.86 -8.22
C LYS A 367 -23.48 -1.75 -9.36
N GLU A 368 -24.53 -1.33 -10.05
CA GLU A 368 -25.07 -2.18 -11.12
C GLU A 368 -24.14 -2.22 -12.31
N VAL A 369 -23.51 -1.08 -12.64
CA VAL A 369 -22.57 -1.06 -13.76
C VAL A 369 -21.40 -2.01 -13.47
N CYS A 370 -20.95 -2.05 -12.22
CA CYS A 370 -19.86 -2.96 -11.86
C CYS A 370 -20.27 -4.41 -12.08
N LYS A 371 -21.52 -4.76 -11.75
CA LYS A 371 -21.97 -6.14 -11.96
C LYS A 371 -22.11 -6.44 -13.45
N LYS A 372 -22.60 -5.46 -14.24
CA LYS A 372 -22.68 -5.67 -15.68
C LYS A 372 -21.30 -5.82 -16.30
N LEU A 373 -20.33 -5.03 -15.82
CA LEU A 373 -18.96 -5.23 -16.27
C LEU A 373 -18.47 -6.62 -15.90
N ARG A 374 -18.69 -7.03 -14.65
CA ARG A 374 -18.29 -8.38 -14.22
C ARG A 374 -18.88 -9.44 -15.14
N ASP A 375 -20.17 -9.32 -15.48
CA ASP A 375 -20.79 -10.30 -16.37
C ASP A 375 -20.09 -10.39 -17.71
N ARG A 376 -19.43 -9.32 -18.16
CA ARG A 376 -18.73 -9.29 -19.42
C ARG A 376 -17.22 -9.42 -19.26
N GLY A 377 -16.76 -9.91 -18.11
CA GLY A 377 -15.35 -10.23 -17.93
C GLY A 377 -14.46 -9.09 -17.48
N ILE A 378 -15.04 -8.00 -16.98
CA ILE A 378 -14.29 -6.83 -16.55
C ILE A 378 -14.57 -6.64 -15.07
N TYR A 379 -13.53 -6.81 -14.24
CA TYR A 379 -13.66 -6.76 -12.79
C TYR A 379 -12.98 -5.48 -12.31
N VAL A 380 -13.79 -4.45 -12.08
CA VAL A 380 -13.32 -3.20 -11.51
C VAL A 380 -13.61 -3.29 -10.02
N SER A 381 -13.23 -2.26 -9.27
CA SER A 381 -13.58 -2.17 -7.86
C SER A 381 -14.49 -0.97 -7.64
N VAL A 382 -15.18 -0.97 -6.50
CA VAL A 382 -16.04 0.14 -6.13
C VAL A 382 -15.86 0.44 -4.65
N VAL A 386 -17.32 7.01 -2.24
CA VAL A 386 -17.26 7.50 -3.62
C VAL A 386 -18.16 6.67 -4.54
N LYS A 387 -19.06 7.34 -5.26
CA LYS A 387 -19.97 6.68 -6.18
C LYS A 387 -19.27 6.58 -7.54
N ALA A 388 -18.36 5.62 -7.64
CA ALA A 388 -17.48 5.58 -8.80
C ALA A 388 -16.94 4.18 -9.00
N LEU A 389 -16.54 3.90 -10.24
CA LEU A 389 -15.80 2.69 -10.57
C LEU A 389 -14.31 3.02 -10.47
N ARG A 390 -13.54 2.16 -9.84
CA ARG A 390 -12.12 2.42 -9.61
C ARG A 390 -11.26 1.46 -10.41
N ILE A 391 -10.32 2.02 -11.16
CA ILE A 391 -9.41 1.26 -11.99
C ILE A 391 -7.99 1.53 -11.50
N VAL A 392 -7.26 0.47 -11.20
CA VAL A 392 -5.85 0.56 -10.83
C VAL A 392 -5.04 0.07 -12.03
N VAL A 393 -4.28 0.97 -12.64
CA VAL A 393 -3.57 0.66 -13.91
C VAL A 393 -2.22 0.08 -13.51
N MET A 394 -2.24 -1.18 -13.10
CA MET A 394 -1.03 -1.90 -12.75
C MET A 394 -0.31 -2.32 -14.02
N PRO A 395 0.89 -2.88 -13.90
CA PRO A 395 1.65 -3.21 -15.12
C PRO A 395 0.96 -4.22 -16.02
N HIS A 396 0.02 -5.02 -15.52
CA HIS A 396 -0.64 -5.97 -16.40
C HIS A 396 -1.70 -5.33 -17.29
N ILE A 397 -2.07 -4.08 -17.06
CA ILE A 397 -3.08 -3.42 -17.87
C ILE A 397 -2.40 -2.73 -19.04
N LYS A 398 -2.70 -3.19 -20.25
CA LYS A 398 -2.11 -2.62 -21.47
C LYS A 398 -3.17 -1.87 -22.27
N ARG A 399 -2.71 -1.15 -23.29
CA ARG A 399 -3.63 -0.33 -24.08
C ARG A 399 -4.79 -1.15 -24.63
N GLU A 400 -4.52 -2.38 -25.07
CA GLU A 400 -5.59 -3.20 -25.63
C GLU A 400 -6.66 -3.48 -24.60
N HIS A 401 -6.30 -3.61 -23.33
CA HIS A 401 -7.28 -3.87 -22.29
C HIS A 401 -8.11 -2.65 -22.01
N ILE A 402 -7.48 -1.47 -22.05
CA ILE A 402 -8.22 -0.23 -21.86
C ILE A 402 -9.20 -0.01 -23.00
N ASP A 403 -8.76 -0.27 -24.23
CA ASP A 403 -9.69 -0.17 -25.37
C ASP A 403 -10.84 -1.14 -25.20
N ASN A 404 -10.54 -2.39 -24.83
CA ASN A 404 -11.58 -3.37 -24.59
C ASN A 404 -12.53 -2.87 -23.50
N PHE A 405 -11.97 -2.36 -22.40
CA PHE A 405 -12.80 -1.85 -21.31
C PHE A 405 -13.75 -0.76 -21.79
N ILE A 406 -13.23 0.20 -22.57
CA ILE A 406 -14.07 1.31 -23.02
C ILE A 406 -15.20 0.82 -23.92
N GLU A 407 -14.92 -0.14 -24.80
CA GLU A 407 -15.97 -0.68 -25.66
C GLU A 407 -17.08 -1.31 -24.84
N ILE A 408 -16.73 -2.16 -23.87
CA ILE A 408 -17.73 -2.82 -23.05
C ILE A 408 -18.50 -1.79 -22.24
N LEU A 409 -17.82 -0.82 -21.67
CA LEU A 409 -18.53 0.19 -20.89
C LEU A 409 -19.49 0.97 -21.78
N ASN A 410 -19.04 1.38 -22.96
CA ASN A 410 -19.92 2.08 -23.90
C ASN A 410 -21.16 1.24 -24.21
N SER A 411 -20.95 -0.04 -24.52
CA SER A 411 -22.07 -0.93 -24.81
C SER A 411 -23.02 -1.03 -23.62
N ILE A 412 -22.48 -1.14 -22.41
CA ILE A 412 -23.33 -1.22 -21.22
C ILE A 412 -24.20 0.03 -21.12
N LYS A 413 -23.63 1.19 -21.44
CA LYS A 413 -24.37 2.44 -21.39
C LYS A 413 -25.33 2.58 -22.56
N ARG A 414 -25.31 1.65 -23.52
CA ARG A 414 -26.24 1.57 -24.65
C ARG A 414 -25.81 2.50 -25.77
#